data_1I5V
#
_entry.id   1I5V
#
_cell.length_a   1.000
_cell.length_b   1.000
_cell.length_c   1.000
_cell.angle_alpha   90.00
_cell.angle_beta   90.00
_cell.angle_gamma   90.00
#
_symmetry.space_group_name_H-M   'P 1'
#
loop_
_entity.id
_entity.type
_entity.pdbx_description
1 polymer "5'-D(*CP*GP*AP*TP*CP*G)-3'"
2 non-polymer 2-(PYRIDO[1,2-E]PURIN-4-YL)AMINO-ETHANOL
#
_entity_poly.entity_id   1
_entity_poly.type   'polydeoxyribonucleotide'
_entity_poly.pdbx_seq_one_letter_code
;(DC)(DG)(DA)(DT)(DC)(DG)
;
_entity_poly.pdbx_strand_id   A,B
#
loop_
_chem_comp.id
_chem_comp.type
_chem_comp.name
_chem_comp.formula
DA DNA linking 2'-DEOXYADENOSINE-5'-MONOPHOSPHATE 'C10 H14 N5 O6 P'
DC DNA linking 2'-DEOXYCYTIDINE-5'-MONOPHOSPHATE 'C9 H14 N3 O7 P'
DG DNA linking 2'-DEOXYGUANOSINE-5'-MONOPHOSPHATE 'C10 H14 N5 O7 P'
DT DNA linking THYMIDINE-5'-MONOPHOSPHATE 'C10 H15 N2 O8 P'
PPZ non-polymer 2-(PYRIDO[1,2-E]PURIN-4-YL)AMINO-ETHANOL 'C11 H11 N5 O'
#
# COMPACT_ATOMS: atom_id res chain seq x y z
C4 PPZ C . -1.00 7.00 5.74
C5 PPZ C . -0.30 7.34 6.90
N7 PPZ C . 1.07 7.18 6.67
C8 PPZ C . 1.23 6.89 5.33
C13 PPZ C . 2.37 6.76 4.53
C12 PPZ C . 2.20 6.63 3.14
C11 PPZ C . 0.92 6.60 2.59
C10 PPZ C . -0.21 6.66 3.42
N9 PPZ C . -0.03 6.82 4.78
C6 PPZ C . -1.09 7.76 7.98
N6 PPZ C . -0.50 8.39 9.07
N1 PPZ C . -2.42 7.73 7.87
C2 PPZ C . -2.96 7.33 6.72
N3 PPZ C . -2.35 6.97 5.60
C61 PPZ C . 0.90 8.77 9.19
C7 PPZ C . 1.34 9.53 7.93
O8 PPZ C . 0.94 10.89 7.97
H13 PPZ C . 3.35 6.85 4.95
H12 PPZ C . 3.07 6.56 2.49
H11 PPZ C . 0.79 6.57 1.51
H10 PPZ C . -1.21 6.63 3.01
H6 PPZ C . -1.12 8.63 9.83
H2 PPZ C . -4.04 7.32 6.69
H61 PPZ C . 1.51 7.89 8.97
H62 PPZ C . 1.12 9.26 10.14
H71 PPZ C . 2.42 9.48 7.81
H72 PPZ C . 0.92 9.04 7.04
H8 PPZ C . -0.01 10.91 8.09
C4 PPZ D . -1.12 -6.90 -6.31
C5 PPZ D . -0.19 -7.73 -6.96
N7 PPZ D . 0.84 -8.04 -6.07
C8 PPZ D . 0.46 -7.56 -4.83
C13 PPZ D . 1.01 -7.71 -3.55
C12 PPZ D . 0.27 -7.28 -2.44
C11 PPZ D . -0.98 -6.69 -2.63
C10 PPZ D . -1.48 -6.46 -3.92
N9 PPZ D . -0.76 -6.93 -4.99
C6 PPZ D . -0.49 -8.06 -8.29
N6 PPZ D . 0.16 -9.12 -8.90
N1 PPZ D . -1.56 -7.50 -8.88
C2 PPZ D . -2.32 -6.68 -8.17
N3 PPZ D . -2.22 -6.33 -6.88
C61 PPZ D . 1.11 -10.02 -8.27
C7 PPZ D . 0.54 -10.54 -6.95
O8 PPZ D . -0.31 -11.66 -7.14
H13 PPZ D . 1.95 -8.22 -3.42
H12 PPZ D . 0.66 -7.43 -1.44
H11 PPZ D . -1.59 -6.43 -1.77
H10 PPZ D . -2.45 -6.00 -4.08
H6 PPZ D . -0.10 -9.31 -9.86
H2 PPZ D . -3.16 -6.25 -8.69
H61 PPZ D . 1.88 -9.40 -7.79
H62 PPZ D . 1.49 -10.78 -8.95
H71 PPZ D . 1.35 -10.81 -6.26
H72 PPZ D . -0.01 -9.74 -6.43
H8 PPZ D . -0.99 -11.41 -7.76
C4 PPZ C . -0.75 7.41 5.85
C5 PPZ C . -0.01 8.09 6.83
N7 PPZ C . 1.35 7.80 6.65
C8 PPZ C . 1.47 7.12 5.46
C13 PPZ C . 2.58 6.77 4.68
C12 PPZ C . 2.38 6.29 3.38
C11 PPZ C . 1.08 6.08 2.92
C10 PPZ C . -0.03 6.39 3.73
N9 PPZ C . 0.19 6.93 4.97
C6 PPZ C . -0.73 8.91 7.69
N6 PPZ C . -0.08 9.89 8.42
N1 PPZ C . -2.07 8.89 7.64
C2 PPZ C . -2.66 8.14 6.71
N3 PPZ C . -2.10 7.40 5.76
C61 PPZ C . 1.33 10.24 8.28
C7 PPZ C . 1.69 10.44 6.80
O8 PPZ C . 1.33 11.73 6.35
H13 PPZ C . 3.58 6.95 5.06
H12 PPZ C . 3.23 6.05 2.76
H11 PPZ C . 0.94 5.70 1.92
H10 PPZ C . -1.04 6.26 3.35
H6 PPZ C . -0.65 10.45 9.03
H2 PPZ C . -3.74 8.16 6.71
H61 PPZ C . 1.63 11.05 8.94
H62 PPZ C . 1.90 9.32 8.38
H71 PPZ C . 2.75 10.28 6.63
H72 PPZ C . 1.18 9.68 6.18
H8 PPZ C . 0.38 11.85 6.50
C4 PPZ D . -0.75 -6.26 -6.35
C5 PPZ D . 0.22 -7.09 -6.89
N7 PPZ D . 1.05 -7.57 -5.87
C8 PPZ D . 0.48 -7.17 -4.67
C13 PPZ D . 0.76 -7.47 -3.33
C12 PPZ D . -0.13 -7.07 -2.34
C11 PPZ D . -1.31 -6.40 -2.69
C10 PPZ D . -1.55 -6.03 -4.03
N9 PPZ D . -0.65 -6.44 -4.99
C6 PPZ D . 0.14 -7.30 -8.28
N6 PPZ D . 0.79 -8.38 -8.86
N1 PPZ D . -0.75 -6.59 -8.99
C2 PPZ D . -1.57 -5.76 -8.35
N3 PPZ D . -1.66 -5.54 -7.04
C61 PPZ D . 1.50 -9.43 -8.15
C7 PPZ D . 0.67 -9.97 -6.97
O8 PPZ D . -0.17 -11.02 -7.36
H13 PPZ D . 1.62 -8.07 -3.09
H12 PPZ D . 0.06 -7.34 -1.31
H11 PPZ D . -2.05 -6.16 -1.93
H10 PPZ D . -2.43 -5.48 -4.31
H6 PPZ D . 0.70 -8.47 -9.86
H2 PPZ D . -2.26 -5.21 -8.97
H61 PPZ D . 2.24 -8.95 -7.50
H62 PPZ D . 1.92 -10.19 -8.81
H71 PPZ D . 1.33 -10.31 -6.17
H72 PPZ D . 0.07 -9.16 -6.54
H8 PPZ D . -0.70 -10.74 -8.11
C4 PPZ C . -0.56 7.37 5.80
C5 PPZ C . 0.18 7.96 6.83
N7 PPZ C . 1.54 7.69 6.63
C8 PPZ C . 1.66 7.10 5.39
C13 PPZ C . 2.77 6.79 4.60
C12 PPZ C . 2.57 6.38 3.27
C11 PPZ C . 1.27 6.25 2.77
C10 PPZ C . 0.16 6.51 3.60
N9 PPZ C . 0.38 6.96 4.88
C6 PPZ C . -0.56 8.68 7.78
N6 PPZ C . 0.08 9.54 8.66
N1 PPZ C . -1.90 8.66 7.70
C2 PPZ C . -2.48 8.01 6.70
N3 PPZ C . -1.91 7.35 5.69
C61 PPZ C . 1.50 9.84 8.70
C7 PPZ C . 2.01 10.24 7.30
O8 PPZ C . 1.65 11.56 6.98
H13 PPZ C . 3.77 6.97 4.96
H12 PPZ C . 3.42 6.18 2.64
H11 PPZ C . 1.12 5.94 1.75
H10 PPZ C . -0.85 6.41 3.22
H6 PPZ C . -0.52 10.04 9.29
H2 PPZ C . -3.56 8.03 6.70
H61 PPZ C . 2.04 8.89 8.71
H62 PPZ C . 1.76 10.54 9.48
H71 PPZ C . 3.09 10.12 7.24
H72 PPZ C . 1.58 9.55 6.55
H8 PPZ C . 0.69 11.64 7.01
C4 PPZ D . -1.54 -7.14 -6.36
C5 PPZ D . -0.75 -8.01 -7.11
N7 PPZ D . 0.43 -8.26 -6.42
C8 PPZ D . 0.30 -7.69 -5.16
C13 PPZ D . 1.07 -7.78 -3.99
C12 PPZ D . 0.57 -7.29 -2.80
C11 PPZ D . -0.68 -6.65 -2.78
C10 PPZ D . -1.43 -6.51 -3.98
N9 PPZ D . -0.92 -7.06 -5.13
C6 PPZ D . -1.30 -8.46 -8.31
N6 PPZ D . -0.78 -9.56 -8.95
N1 PPZ D . -2.47 -7.93 -8.72
C2 PPZ D . -3.09 -7.05 -7.94
N3 PPZ D . -2.73 -6.61 -6.74
C61 PPZ D . 0.29 -10.41 -8.43
C7 PPZ D . 0.01 -10.83 -6.99
O8 PPZ D . -0.93 -11.88 -6.92
H13 PPZ D . 2.01 -8.33 -4.01
H12 PPZ D . 1.12 -7.41 -1.88
H11 PPZ D . -1.07 -6.28 -1.85
H10 PPZ D . -2.39 -6.03 -3.97
H6 PPZ D . -1.21 -9.83 -9.81
H2 PPZ D . -4.02 -6.66 -8.33
H61 PPZ D . 1.13 -9.77 -8.18
H62 PPZ D . 0.54 -11.23 -9.11
H71 PPZ D . 0.93 -11.13 -6.49
H72 PPZ D . -0.37 -9.97 -6.42
H8 PPZ D . -1.75 -11.59 -7.32
C4 PPZ C . -0.21 6.64 5.96
C5 PPZ C . 0.71 7.16 6.88
N7 PPZ C . 1.99 7.10 6.33
C8 PPZ C . 1.84 6.70 5.01
C13 PPZ C . 2.74 6.64 3.94
C12 PPZ C . 2.25 6.42 2.65
C11 PPZ C . 0.87 6.26 2.46
C10 PPZ C . -0.01 6.25 3.55
N9 PPZ C . 0.49 6.50 4.80
C6 PPZ C . 0.16 7.66 8.08
N6 PPZ C . 0.92 8.52 8.87
N1 PPZ C . -1.14 7.49 8.32
C2 PPZ C . -1.90 6.90 7.40
N3 PPZ C . -1.54 6.47 6.19
C61 PPZ C . 2.22 9.05 8.53
C7 PPZ C . 2.22 9.63 7.11
O8 PPZ C . 1.73 10.96 7.08
H13 PPZ C . 3.78 6.84 4.11
H12 PPZ C . 2.93 6.40 1.81
H11 PPZ C . 0.48 6.16 1.45
H10 PPZ C . -1.08 6.12 3.40
H6 PPZ C . 0.48 8.82 9.73
H2 PPZ C . -2.94 6.79 7.63
H61 PPZ C . 2.63 9.71 9.30
H62 PPZ C . 2.87 8.21 8.27
H71 PPZ C . 3.22 9.61 6.68
H72 PPZ C . 1.60 9.00 6.45
H8 PPZ C . 0.85 10.97 7.49
C4 PPZ D . -1.14 -6.01 -6.28
C5 PPZ D . -0.18 -6.77 -6.94
N7 PPZ D . 0.78 -7.20 -6.01
C8 PPZ D . 0.26 -6.93 -4.77
C13 PPZ D . 0.66 -7.31 -3.47
C12 PPZ D . -0.20 -7.07 -2.39
C11 PPZ D . -1.44 -6.47 -2.62
C10 PPZ D . -1.79 -6.01 -3.90
N9 PPZ D . -0.93 -6.28 -4.95
C6 PPZ D . -0.39 -6.96 -8.32
N6 PPZ D . 0.17 -8.03 -8.97
N1 PPZ D . -1.35 -6.23 -8.92
C2 PPZ D . -2.13 -5.45 -8.18
N3 PPZ D . -2.15 -5.31 -6.86
C61 PPZ D . 0.93 -9.13 -8.37
C7 PPZ D . 0.30 -9.62 -7.05
O8 PPZ D . -0.94 -10.28 -7.23
H13 PPZ D . 1.59 -7.85 -3.33
H12 PPZ D . 0.07 -7.40 -1.40
H11 PPZ D . -2.14 -6.37 -1.79
H10 PPZ D . -2.74 -5.52 -4.08
H6 PPZ D . -0.06 -8.12 -9.95
H2 PPZ D . -2.89 -4.90 -8.73
H61 PPZ D . 1.80 -8.68 -7.87
H62 PPZ D . 1.19 -9.90 -9.09
H71 PPZ D . 0.99 -10.26 -6.51
H72 PPZ D . 0.10 -8.76 -6.40
H8 PPZ D . -1.49 -10.09 -6.46
C4 PPZ C . -0.58 6.16 6.11
C5 PPZ C . 0.24 6.71 7.09
N7 PPZ C . 1.54 6.82 6.60
C8 PPZ C . 1.49 6.52 5.25
C13 PPZ C . 2.43 6.60 4.22
C12 PPZ C . 2.00 6.44 2.89
C11 PPZ C . 0.67 6.16 2.62
C10 PPZ C . -0.26 5.98 3.67
N9 PPZ C . 0.17 6.18 4.97
C6 PPZ C . -0.40 7.08 8.28
N6 PPZ C . 0.20 7.99 9.13
N1 PPZ C . -1.69 6.75 8.46
C2 PPZ C . -2.34 6.14 7.47
N3 PPZ C . -1.89 5.83 6.26
C61 PPZ C . 1.44 8.72 8.88
C7 PPZ C . 1.43 9.34 7.47
O8 PPZ C . 0.69 10.54 7.45
H13 PPZ C . 3.45 6.88 4.44
H12 PPZ C . 2.71 6.57 2.08
H11 PPZ C . 0.32 6.12 1.60
H10 PPZ C . -1.30 5.75 3.48
H6 PPZ C . -0.31 8.20 9.98
H2 PPZ C . -3.37 5.90 7.66
H61 PPZ C . 1.70 9.40 9.69
H62 PPZ C . 2.20 7.98 8.63
H71 PPZ C . 0.98 8.63 6.76
H72 PPZ C . 2.44 9.53 7.13
H8 PPZ C . -0.22 10.36 7.71
C4 PPZ D . -1.31 -6.13 -6.69
C5 PPZ D . -0.44 -7.09 -7.24
N7 PPZ D . 0.43 -7.54 -6.24
C8 PPZ D . -0.03 -7.02 -5.05
C13 PPZ D . 0.34 -7.26 -3.71
C12 PPZ D . -0.45 -6.72 -2.68
C11 PPZ D . -1.57 -5.95 -3.01
C10 PPZ D . -1.87 -5.64 -4.36
N9 PPZ D . -1.11 -6.22 -5.33
C6 PPZ D . -0.64 -7.39 -8.60
N6 PPZ D . -0.05 -8.50 -9.16
N1 PPZ D . -1.55 -6.67 -9.30
C2 PPZ D . -2.27 -5.76 -8.65
N3 PPZ D . -2.24 -5.43 -7.37
C61 PPZ D . 0.71 -9.51 -8.43
C7 PPZ D . -0.06 -9.99 -7.20
O8 PPZ D . -1.01 -10.99 -7.53
H13 PPZ D . 1.15 -7.94 -3.49
H12 PPZ D . -0.21 -6.94 -1.65
H11 PPZ D . -2.23 -5.61 -2.23
H10 PPZ D . -2.73 -5.04 -4.61
H6 PPZ D . -0.22 -8.64 -10.14
H2 PPZ D . -2.98 -5.23 -9.27
H61 PPZ D . 1.09 -10.30 -9.08
H62 PPZ D . 1.47 -8.99 -7.84
H71 PPZ D . 0.62 -10.38 -6.44
H72 PPZ D . -0.58 -9.14 -6.73
H8 PPZ D . -1.58 -10.65 -8.24
C4 PPZ C . -0.07 7.49 5.92
C5 PPZ C . 0.84 8.14 6.75
N7 PPZ C . 2.14 7.88 6.31
C8 PPZ C . 2.03 7.22 5.11
C13 PPZ C . 2.97 6.84 4.15
C12 PPZ C . 2.53 6.39 2.90
C11 PPZ C . 1.15 6.25 2.65
C10 PPZ C . 0.22 6.54 3.67
N9 PPZ C . 0.68 7.04 4.87
C6 PPZ C . 0.28 8.90 7.79
N6 PPZ C . 1.05 9.82 8.48
N1 PPZ C . -1.06 8.87 7.98
C2 PPZ C . -1.80 8.16 7.13
N3 PPZ C . -1.42 7.47 6.06
C61 PPZ C . 2.42 10.18 8.17
C7 PPZ C . 2.60 10.47 6.68
O8 PPZ C . 2.33 11.82 6.36
H13 PPZ C . 4.02 7.02 4.32
H12 PPZ C . 3.25 6.16 2.12
H11 PPZ C . 0.83 5.90 1.69
H10 PPZ C . -0.84 6.43 3.49
H6 PPZ C . 0.59 10.31 9.23
H2 PPZ C . -2.86 8.17 7.33
H61 PPZ C . 3.01 9.25 8.15
H62 PPZ C . 2.83 10.93 8.85
H71 PPZ C . 1.96 9.81 6.10
H72 PPZ C . 3.62 10.23 6.37
H8 PPZ C . 1.44 12.03 6.67
C4 PPZ D . -0.84 -6.21 -6.51
C5 PPZ D . 0.08 -7.09 -7.11
N7 PPZ D . 0.92 -7.60 -6.12
C8 PPZ D . 0.43 -7.18 -4.91
C13 PPZ D . 0.78 -7.48 -3.59
C12 PPZ D . -0.06 -7.05 -2.54
C11 PPZ D . -1.22 -6.33 -2.84
C10 PPZ D . -1.50 -5.95 -4.16
N9 PPZ D . -0.68 -6.39 -5.16
C6 PPZ D . -0.06 -7.26 -8.49
N6 PPZ D . 0.57 -8.31 -9.13
N1 PPZ D . -0.96 -6.51 -9.16
C2 PPZ D . -1.74 -5.68 -8.46
N3 PPZ D . -1.78 -5.47 -7.15
C61 PPZ D . 1.33 -9.38 -8.49
C7 PPZ D . 0.51 -9.98 -7.33
O8 PPZ D . -0.41 -10.95 -7.78
H13 PPZ D . 1.63 -8.12 -3.38
H12 PPZ D . 0.17 -7.33 -1.52
H11 PPZ D . -1.92 -6.09 -2.05
H10 PPZ D . -2.38 -5.36 -4.40
H6 PPZ D . 0.44 -8.37 -10.13
H2 PPZ D . -2.45 -5.11 -9.05
H61 PPZ D . 1.72 -10.09 -9.19
H62 PPZ D . 2.06 -8.90 -7.83
H71 PPZ D . 1.18 -10.43 -6.60
H72 PPZ D . -0.02 -9.17 -6.80
H8 PPZ D . -0.96 -10.55 -8.47
C4 PPZ C . -1.06 7.45 6.14
C5 PPZ C . -0.17 8.14 6.97
N7 PPZ C . 1.13 7.89 6.55
C8 PPZ C . 1.05 7.19 5.37
C13 PPZ C . 2.01 6.81 4.42
C12 PPZ C . 1.58 6.31 3.19
C11 PPZ C . 0.22 6.14 2.94
C10 PPZ C . -0.73 6.43 3.93
N9 PPZ C . -0.28 6.98 5.12
C6 PPZ C . -0.77 8.96 7.96
N6 PPZ C . -0.02 9.92 8.60
N1 PPZ C . -2.10 8.90 8.13
C2 PPZ C . -2.82 8.13 7.32
N3 PPZ C . -2.41 7.39 6.29
C61 PPZ C . 1.35 10.28 8.28
C7 PPZ C . 1.50 10.55 6.77
O8 PPZ C . 1.09 11.85 6.43
H13 PPZ C . 3.06 7.01 4.60
H12 PPZ C . 2.32 6.07 2.42
H11 PPZ C . -0.11 5.82 1.97
H10 PPZ C . -1.79 6.31 3.75
H6 PPZ C . -0.50 10.46 9.31
H2 PPZ C . -3.89 8.13 7.50
H61 PPZ C . 1.74 11.08 8.91
H62 PPZ C . 1.94 9.37 8.25
H71 PPZ C . 0.90 9.82 6.21
H72 PPZ C . 2.52 10.39 6.45
H8 PPZ C . 0.19 11.99 6.75
C4 PPZ D . -0.78 -6.25 -6.62
C5 PPZ D . 0.06 -7.24 -7.14
N7 PPZ D . 0.84 -7.77 -6.11
C8 PPZ D . 0.35 -7.25 -4.92
C13 PPZ D . 0.63 -7.54 -3.58
C12 PPZ D . -0.19 -6.99 -2.58
C11 PPZ D . -1.24 -6.14 -2.94
C10 PPZ D . -1.45 -5.80 -4.29
N9 PPZ D . -0.65 -6.37 -5.25
C6 PPZ D . -0.08 -7.50 -8.51
N6 PPZ D . 0.41 -8.67 -9.05
N1 PPZ D . -0.88 -6.70 -9.23
C2 PPZ D . -1.57 -5.74 -8.62
N3 PPZ D . -1.61 -5.45 -7.32
C61 PPZ D . 0.97 -9.78 -8.28
C7 PPZ D . 0.06 -10.13 -7.11
O8 PPZ D . -0.94 -11.06 -7.49
H13 PPZ D . 1.40 -8.25 -3.33
H12 PPZ D . -0.01 -7.23 -1.55
H11 PPZ D . -1.91 -5.76 -2.19
H10 PPZ D . -2.25 -5.13 -4.57
H6 PPZ D . 0.31 -8.78 -10.04
H2 PPZ D . -2.21 -5.14 -9.25
H61 PPZ D . 1.29 -10.61 -8.91
H62 PPZ D . 1.76 -9.37 -7.65
H71 PPZ D . -0.40 -9.23 -6.70
H72 PPZ D . 0.64 -10.56 -6.29
H8 PPZ D . -1.41 -10.70 -8.25
C4 PPZ C . -1.45 6.75 5.67
C5 PPZ C . -0.64 7.14 6.75
N7 PPZ C . 0.70 7.03 6.40
C8 PPZ C . 0.73 6.76 5.05
C13 PPZ C . 1.79 6.71 4.11
C12 PPZ C . 1.49 6.63 2.75
C11 PPZ C . 0.15 6.59 2.34
C10 PPZ C . -0.89 6.53 3.28
N9 PPZ C . -0.57 6.64 4.62
C6 PPZ C . -1.34 7.60 7.89
N6 PPZ C . -0.67 8.35 8.84
N1 PPZ C . -2.68 7.49 7.92
C2 PPZ C . -3.31 7.00 6.86
N3 PPZ C . -2.80 6.64 5.68
C61 PPZ C . 0.70 8.82 8.72
C7 PPZ C . 0.93 9.51 7.37
O8 PPZ C . 0.49 10.85 7.39
H13 PPZ C . 2.81 6.83 4.46
H12 PPZ C . 2.29 6.64 2.03
H11 PPZ C . -0.08 6.61 1.29
H10 PPZ C . -1.93 6.48 2.97
H6 PPZ C . -1.21 8.66 9.63
H2 PPZ C . -4.39 6.94 6.94
H61 PPZ C . 1.33 7.96 8.48
H62 PPZ C . 1.03 9.40 9.58
H71 PPZ C . 0.40 8.96 6.58
H72 PPZ C . 1.99 9.47 7.08
H8 PPZ C . -0.42 10.87 7.68
C4 PPZ D . -1.38 -6.45 -6.28
C5 PPZ D . -0.64 -7.43 -6.96
N7 PPZ D . 0.41 -7.86 -6.14
C8 PPZ D . 0.20 -7.30 -4.90
C13 PPZ D . 0.80 -7.51 -3.64
C12 PPZ D . 0.22 -6.97 -2.50
C11 PPZ D . -0.93 -6.17 -2.62
C10 PPZ D . -1.47 -5.89 -3.88
N9 PPZ D . -0.92 -6.49 -4.99
C6 PPZ D . -1.10 -7.78 -8.24
N6 PPZ D . -0.67 -8.96 -8.83
N1 PPZ D . -2.11 -7.08 -8.78
C2 PPZ D . -2.68 -6.13 -8.05
N3 PPZ D . -2.43 -5.76 -6.80
C61 PPZ D . 0.17 -9.97 -8.21
C7 PPZ D . -0.35 -10.33 -6.81
O8 PPZ D . -1.26 -11.41 -6.84
H13 PPZ D . 1.65 -8.18 -3.57
H12 PPZ D . 0.64 -7.18 -1.53
H11 PPZ D . -1.38 -5.77 -1.74
H10 PPZ D . -2.36 -5.29 -3.99
H6 PPZ D . -1.02 -9.14 -9.76
H2 PPZ D . -3.49 -5.60 -8.53
H61 PPZ D . 0.38 -10.81 -8.86
H62 PPZ D . 1.05 -9.46 -7.82
H71 PPZ D . 0.48 -10.57 -6.16
H72 PPZ D . -0.84 -9.45 -6.37
H8 PPZ D . -1.98 -11.20 -7.44
C4 PPZ C . -1.06 6.66 5.50
C5 PPZ C . -0.24 7.03 6.57
N7 PPZ C . 1.09 6.96 6.18
C8 PPZ C . 1.11 6.70 4.82
C13 PPZ C . 2.14 6.68 3.87
C12 PPZ C . 1.82 6.53 2.51
C11 PPZ C . 0.48 6.40 2.13
C10 PPZ C . -0.54 6.36 3.10
N9 PPZ C . -0.20 6.54 4.42
C6 PPZ C . -0.91 7.44 7.73
N6 PPZ C . -0.24 8.14 8.72
N1 PPZ C . -2.26 7.34 7.77
C2 PPZ C . -2.90 6.91 6.69
N3 PPZ C . -2.41 6.57 5.51
C61 PPZ C . 1.11 8.65 8.61
C7 PPZ C . 1.29 9.39 7.29
O8 PPZ C . 0.76 10.70 7.35
H13 PPZ C . 3.16 6.87 4.18
H12 PPZ C . 2.60 6.56 1.77
H11 PPZ C . 0.22 6.36 1.08
H10 PPZ C . -1.59 6.28 2.82
H6 PPZ C . -0.77 8.37 9.54
H2 PPZ C . -3.98 6.88 6.78
H61 PPZ C . 1.76 7.81 8.33
H62 PPZ C . 1.43 9.18 9.50
H71 PPZ C . 2.35 9.44 7.00
H72 PPZ C . 0.81 8.84 6.48
H8 PPZ C . -0.17 10.64 7.60
C4 PPZ D . -1.31 -6.06 -6.03
C5 PPZ D . -0.36 -6.84 -6.69
N7 PPZ D . 0.51 -7.40 -5.76
C8 PPZ D . 0.00 -7.11 -4.50
C13 PPZ D . 0.37 -7.52 -3.21
C12 PPZ D . -0.45 -7.18 -2.13
C11 PPZ D . -1.61 -6.42 -2.35
C10 PPZ D . -1.92 -5.95 -3.63
N9 PPZ D . -1.12 -6.33 -4.69
C6 PPZ D . -0.51 -6.93 -8.08
N6 PPZ D . 0.14 -7.93 -8.77
N1 PPZ D . -1.45 -6.19 -8.69
C2 PPZ D . -2.25 -5.42 -7.93
N3 PPZ D . -2.28 -5.32 -6.61
C61 PPZ D . 0.88 -9.04 -8.19
C7 PPZ D . 0.07 -9.70 -7.07
O8 PPZ D . -0.85 -10.65 -7.57
H13 PPZ D . 1.23 -8.14 -3.07
H12 PPZ D . -0.19 -7.50 -1.13
H11 PPZ D . -2.28 -6.21 -1.53
H10 PPZ D . -2.81 -5.36 -3.82
H6 PPZ D . 0.03 -7.93 -9.78
H2 PPZ D . -2.98 -4.85 -8.47
H61 PPZ D . 1.30 -9.72 -8.93
H62 PPZ D . 1.62 -8.61 -7.50
H71 PPZ D . 0.72 -10.18 -6.34
H72 PPZ D . -0.48 -8.93 -6.51
H8 PPZ D . -1.41 -10.22 -8.24
C4 PPZ C . -0.47 7.33 5.90
C5 PPZ C . 0.31 7.79 6.96
N7 PPZ C . 1.63 7.37 6.76
C8 PPZ C . 1.70 6.87 5.48
C13 PPZ C . 2.79 6.54 4.65
C12 PPZ C . 2.56 6.30 3.29
C11 PPZ C . 1.24 6.30 2.81
C10 PPZ C . 0.16 6.57 3.66
N9 PPZ C . 0.42 6.89 4.97
C6 PPZ C . -0.34 8.58 7.92
N6 PPZ C . 0.41 9.41 8.74
N1 PPZ C . -1.68 8.72 7.85
C2 PPZ C . -2.32 8.16 6.82
N3 PPZ C . -1.82 7.48 5.79
C61 PPZ C . 1.85 9.61 8.64
C7 PPZ C . 2.26 9.93 7.19
O8 PPZ C . 2.04 11.29 6.88
H13 PPZ C . 3.79 6.58 5.04
H12 PPZ C . 3.39 6.10 2.63
H11 PPZ C . 1.07 6.09 1.76
H10 PPZ C . -0.85 6.61 3.27
H6 PPZ C . -0.11 9.96 9.39
H2 PPZ C . -3.39 8.31 6.81
H61 PPZ C . 2.22 10.32 9.38
H62 PPZ C . 2.33 8.63 8.64
H71 PPZ C . 1.68 9.30 6.50
H72 PPZ C . 3.31 9.68 7.02
H8 PPZ C . 1.12 11.50 7.05
C4 PPZ D . -1.07 -7.05 -6.18
C5 PPZ D . -0.11 -7.88 -6.78
N7 PPZ D . 0.97 -8.03 -5.91
C8 PPZ D . 0.59 -7.48 -4.70
C13 PPZ D . 1.17 -7.52 -3.42
C12 PPZ D . 0.42 -7.08 -2.32
C11 PPZ D . -0.85 -6.53 -2.52
C10 PPZ D . -1.38 -6.41 -3.82
N9 PPZ D . -0.67 -6.93 -4.87
C6 PPZ D . -0.46 -8.39 -8.03
N6 PPZ D . 0.21 -9.50 -8.53
N1 PPZ D . -1.57 -7.96 -8.63
C2 PPZ D . -2.37 -7.10 -7.98
N3 PPZ D . -2.22 -6.61 -6.75
C61 PPZ D . 1.21 -10.27 -7.82
C7 PPZ D . 0.72 -10.64 -6.41
O8 PPZ D . -0.09 -11.80 -6.40
H13 PPZ D . 2.12 -7.99 -3.27
H12 PPZ D . 0.83 -7.15 -1.32
H11 PPZ D . -1.43 -6.21 -1.67
H10 PPZ D . -2.38 -6.01 -3.98
H6 PPZ D . -0.07 -9.81 -9.44
H2 PPZ D . -3.25 -6.79 -8.51
H61 PPZ D . 1.59 -11.11 -8.41
H62 PPZ D . 1.97 -9.59 -7.46
H71 PPZ D . 1.57 -10.79 -5.74
H72 PPZ D . 0.16 -9.80 -5.99
H8 PPZ D . -0.85 -11.63 -6.97
C4 PPZ C . -0.65 7.08 6.20
C5 PPZ C . 0.21 7.67 7.14
N7 PPZ C . 1.53 7.43 6.77
C8 PPZ C . 1.50 6.86 5.52
C13 PPZ C . 2.51 6.55 4.59
C12 PPZ C . 2.14 6.21 3.28
C11 PPZ C . 0.79 6.11 2.94
C10 PPZ C . -0.21 6.31 3.91
N9 PPZ C . 0.17 6.70 5.17
C6 PPZ C . -0.43 8.38 8.17
N6 PPZ C . 0.30 9.31 8.91
N1 PPZ C . -1.76 8.34 8.27
C2 PPZ C . -2.45 7.66 7.35
N3 PPZ C . -2.00 7.03 6.27
C61 PPZ C . 1.66 9.72 8.63
C7 PPZ C . 1.81 10.10 7.14
O8 PPZ C . 1.25 11.38 6.89
H13 PPZ C . 3.54 6.69 4.85
H12 PPZ C . 2.91 6.03 2.54
H11 PPZ C . 0.51 5.92 1.91
H10 PPZ C . -1.26 6.23 3.66
H6 PPZ C . -0.20 9.79 9.64
H2 PPZ C . -3.52 7.67 7.48
H61 PPZ C . 2.27 8.83 8.54
H62 PPZ C . 2.03 10.48 9.32
H71 PPZ C . 1.30 9.35 6.52
H72 PPZ C . 2.85 10.09 6.83
H8 PPZ C . 0.33 11.37 7.16
C4 PPZ D . -1.00 -6.30 -6.64
C5 PPZ D . -0.05 -7.17 -7.19
N7 PPZ D . 0.83 -7.59 -6.19
C8 PPZ D . 0.31 -7.14 -4.99
C13 PPZ D . 0.67 -7.39 -3.65
C12 PPZ D . -0.19 -6.98 -2.63
C11 PPZ D . -1.39 -6.33 -2.96
C10 PPZ D . -1.68 -6.00 -4.29
N9 PPZ D . -0.83 -6.43 -5.28
C6 PPZ D . -0.21 -7.46 -8.55
N6 PPZ D . 0.38 -8.58 -9.09
N1 PPZ D . -1.13 -6.78 -9.26
C2 PPZ D . -1.90 -5.90 -8.62
N3 PPZ D . -1.95 -5.61 -7.31
C61 PPZ D . 1.14 -9.59 -8.35
C7 PPZ D . 0.35 -10.05 -7.11
O8 PPZ D . -0.58 -11.06 -7.44
H13 PPZ D . 1.56 -7.96 -3.43
H12 PPZ D . 0.05 -7.20 -1.60
H11 PPZ D . -2.10 -6.09 -2.19
H10 PPZ D . -2.59 -5.46 -4.55
H6 PPZ D . 0.24 -8.73 -10.08
H2 PPZ D . -2.62 -5.39 -9.23
H61 PPZ D . 1.52 -10.38 -8.98
H62 PPZ D . 1.90 -9.06 -7.77
H71 PPZ D . -0.17 -9.20 -6.66
H72 PPZ D . 1.03 -10.42 -6.34
H8 PPZ D . -1.19 -10.72 -8.10
C4 PPZ C . -1.03 6.66 5.86
C5 PPZ C . -0.19 7.14 6.87
N7 PPZ C . 1.13 6.96 6.49
C8 PPZ C . 1.12 6.61 5.15
C13 PPZ C . 2.14 6.54 4.18
C12 PPZ C . 1.78 6.45 2.82
C11 PPZ C . 0.43 6.43 2.47
C10 PPZ C . -0.58 6.40 3.45
N9 PPZ C . -0.20 6.52 4.77
C6 PPZ C . -0.84 7.72 7.97
N6 PPZ C . -0.17 8.61 8.79
N1 PPZ C . -2.17 7.58 8.08
C2 PPZ C . -2.84 7.00 7.09
N3 PPZ C . -2.38 6.54 5.93
C61 PPZ C . 1.17 9.14 8.60
C7 PPZ C . 1.42 9.54 7.13
O8 PPZ C . 0.69 10.68 6.73
H13 PPZ C . 3.17 6.64 4.48
H12 PPZ C . 2.55 6.45 2.07
H11 PPZ C . 0.15 6.47 1.43
H10 PPZ C . -1.62 6.37 3.19
H6 PPZ C . -0.73 9.02 9.54
H2 PPZ C . -3.91 6.92 7.24
H61 PPZ C . 1.85 8.29 8.56
H62 PPZ C . 1.44 9.88 9.34
H71 PPZ C . 1.12 8.71 6.48
H72 PPZ C . 2.48 9.69 6.95
H8 PPZ C . 0.43 10.56 5.81
C4 PPZ D . -0.75 -6.36 -6.09
C5 PPZ D . 0.23 -7.17 -6.68
N7 PPZ D . 1.07 -7.67 -5.69
C8 PPZ D . 0.52 -7.31 -4.47
C13 PPZ D . 0.83 -7.65 -3.14
C12 PPZ D . -0.03 -7.26 -2.12
C11 PPZ D . -1.19 -6.55 -2.42
C10 PPZ D . -1.46 -6.15 -3.75
N9 PPZ D . -0.60 -6.56 -4.74
C6 PPZ D . 0.13 -7.33 -8.07
N6 PPZ D . 0.78 -8.39 -8.69
N1 PPZ D . -0.78 -6.61 -8.75
C2 PPZ D . -1.60 -5.81 -8.07
N3 PPZ D . -1.69 -5.64 -6.75
C61 PPZ D . 1.47 -9.47 -8.02
C7 PPZ D . 0.64 -10.03 -6.87
O8 PPZ D . -0.27 -11.02 -7.31
H13 PPZ D . 1.70 -8.27 -2.94
H12 PPZ D . 0.18 -7.55 -1.10
H11 PPZ D . -1.90 -6.30 -1.64
H10 PPZ D . -2.35 -5.59 -3.99
H6 PPZ D . 0.71 -8.41 -9.70
H2 PPZ D . -2.31 -5.26 -8.66
H61 PPZ D . 2.22 -9.01 -7.36
H62 PPZ D . 1.89 -10.21 -8.71
H71 PPZ D . 1.27 -10.45 -6.08
H72 PPZ D . 0.08 -9.21 -6.39
H8 PPZ D . -0.78 -10.66 -8.05
C4 PPZ C . -0.26 6.97 6.12
C5 PPZ C . 0.64 7.55 7.02
N7 PPZ C . 1.94 7.28 6.62
C8 PPZ C . 1.85 6.72 5.36
C13 PPZ C . 2.83 6.46 4.39
C12 PPZ C . 2.42 6.16 3.08
C11 PPZ C . 1.05 6.06 2.79
C10 PPZ C . 0.09 6.25 3.80
N9 PPZ C . 0.52 6.60 5.05
C6 PPZ C . 0.06 8.32 8.05
N6 PPZ C . 0.83 9.29 8.67
N1 PPZ C . -1.28 8.34 8.17
C2 PPZ C . -2.01 7.68 7.28
N3 PPZ C . -1.62 7.00 6.22
C61 PPZ C . 2.16 9.68 8.22
C7 PPZ C . 2.15 9.98 6.72
O8 PPZ C . 1.77 11.31 6.45
H13 PPZ C . 3.88 6.60 4.61
H12 PPZ C . 3.16 6.01 2.30
H11 PPZ C . 0.74 5.85 1.78
H10 PPZ C . -0.96 6.19 3.58
H6 PPZ C . 0.39 9.83 9.39
H2 PPZ C . -3.08 7.75 7.41
H61 PPZ C . 2.76 8.78 8.13
H62 PPZ C . 2.60 10.47 8.84
H71 PPZ C . 3.12 9.78 6.27
H72 PPZ C . 1.46 9.30 6.20
H8 PPZ C . 0.90 11.46 6.85
C4 PPZ D . -0.91 -6.14 -6.49
C5 PPZ D . 0.01 -7.00 -7.10
N7 PPZ D . 0.93 -7.43 -6.13
C8 PPZ D . 0.44 -7.03 -4.91
C13 PPZ D . 0.82 -7.32 -3.58
C12 PPZ D . -0.03 -6.96 -2.53
C11 PPZ D . -1.23 -6.29 -2.81
C10 PPZ D . -1.56 -5.92 -4.13
N9 PPZ D . -0.71 -6.32 -5.15
C6 PPZ D . -0.22 -7.28 -8.45
N6 PPZ D . 0.28 -8.44 -9.02
N1 PPZ D . -1.14 -6.57 -9.11
C2 PPZ D . -1.88 -5.69 -8.43
N3 PPZ D . -1.88 -5.43 -7.12
C61 PPZ D . 0.92 -9.54 -8.32
C7 PPZ D . 0.21 -9.88 -7.00
O8 PPZ D . -1.10 -10.38 -7.19
H13 PPZ D . 1.71 -7.90 -3.40
H12 PPZ D . 0.23 -7.22 -1.52
H11 PPZ D . -1.93 -6.09 -2.02
H10 PPZ D . -2.48 -5.39 -4.35
H6 PPZ D . 0.05 -8.57 -9.99
H2 PPZ D . -2.62 -5.15 -9.01
H61 PPZ D . 1.12 -10.38 -8.97
H62 PPZ D . 1.81 -9.14 -7.83
H71 PPZ D . 0.11 -8.96 -6.41
H72 PPZ D . 0.80 -10.56 -6.40
H8 PPZ D . -1.64 -10.10 -6.43
C4 PPZ C . -1.07 6.32 6.05
C5 PPZ C . -0.39 6.81 7.17
N7 PPZ C . 0.99 6.74 6.95
C8 PPZ C . 1.15 6.44 5.61
C13 PPZ C . 2.27 6.47 4.77
C12 PPZ C . 2.09 6.39 3.39
C11 PPZ C . 0.80 6.22 2.87
C10 PPZ C . -0.31 6.13 3.73
N9 PPZ C . -0.11 6.26 5.07
C6 PPZ C . -1.19 7.34 8.19
N6 PPZ C . -0.65 8.27 9.05
N1 PPZ C . -2.52 7.18 8.13
C2 PPZ C . -3.04 6.59 7.05
N3 PPZ C . -2.42 6.17 5.95
C61 PPZ C . 0.67 8.88 8.89
C7 PPZ C . 0.88 9.37 7.45
O8 PPZ C . 0.48 10.71 7.29
H13 PPZ C . 3.25 6.66 5.19
H12 PPZ C . 2.94 6.48 2.71
H11 PPZ C . 0.66 6.17 1.80
H10 PPZ C . -1.32 6.02 3.33
H6 PPZ C . -1.25 8.65 9.77
H2 PPZ C . -4.11 6.50 7.03
H61 PPZ C . 1.39 8.07 8.80
H62 PPZ C . 0.90 9.62 9.66
H71 PPZ C . 0.34 8.73 6.74
H72 PPZ C . 1.93 9.27 7.15
H8 PPZ C . -0.46 10.78 7.52
C4 PPZ D . -1.33 -6.43 -6.28
C5 PPZ D . -0.49 -7.33 -6.94
N7 PPZ D . 0.56 -7.67 -6.10
C8 PPZ D . 0.25 -7.17 -4.85
C13 PPZ D . 0.82 -7.38 -3.59
C12 PPZ D . 0.14 -6.93 -2.45
C11 PPZ D . -1.05 -6.20 -2.60
C10 PPZ D . -1.57 -5.93 -3.88
N9 PPZ D . -0.92 -6.46 -4.98
C6 PPZ D . -0.90 -7.72 -8.23
N6 PPZ D . -0.37 -8.87 -8.78
N1 PPZ D . -1.95 -7.11 -8.79
C2 PPZ D . -2.63 -6.22 -8.07
N3 PPZ D . -2.44 -5.83 -6.81
C61 PPZ D . 0.51 -9.81 -8.11
C7 PPZ D . -0.06 -10.19 -6.74
O8 PPZ D . -1.01 -11.23 -6.84
H13 PPZ D . 1.71 -7.99 -3.49
H12 PPZ D . 0.53 -7.14 -1.47
H11 PPZ D . -1.57 -5.86 -1.72
H10 PPZ D . -2.50 -5.40 -4.00
H6 PPZ D . -0.70 -9.11 -9.71
H2 PPZ D . -3.47 -5.76 -8.57
H61 PPZ D . 1.34 -9.23 -7.69
H62 PPZ D . 0.80 -10.65 -8.74
H71 PPZ D . -0.52 -9.31 -6.27
H72 PPZ D . 0.75 -10.49 -6.05
H8 PPZ D . -1.70 -10.95 -7.43
C4 PPZ C . -1.18 6.53 6.20
C5 PPZ C . -0.32 7.11 7.15
N7 PPZ C . 0.98 7.10 6.66
C8 PPZ C . 0.91 6.70 5.34
C13 PPZ C . 1.86 6.67 4.31
C12 PPZ C . 1.44 6.43 3.00
C11 PPZ C . 0.07 6.22 2.74
C10 PPZ C . -0.85 6.15 3.80
N9 PPZ C . -0.41 6.41 5.07
C6 PPZ C . -0.95 7.61 8.30
N6 PPZ C . -0.30 8.53 9.10
N1 PPZ C . -2.26 7.37 8.48
C2 PPZ C . -2.94 6.72 7.54
N3 PPZ C . -2.50 6.29 6.36
C61 PPZ C . 0.99 9.13 8.82
C7 PPZ C . 1.06 9.66 7.38
O8 PPZ C . 0.54 10.97 7.28
H13 PPZ C . 2.89 6.92 4.51
H12 PPZ C . 2.15 6.46 2.19
H11 PPZ C . -0.27 6.13 1.72
H10 PPZ C . -1.90 5.98 3.60
H6 PPZ C . -0.80 8.84 9.91
H2 PPZ C . -3.99 6.56 7.73
H61 PPZ C . 1.31 9.84 9.59
H62 PPZ C . 1.70 8.31 8.64
H71 PPZ C . 0.51 8.99 6.72
H72 PPZ C . 2.09 9.66 7.02
H8 PPZ C . -0.36 10.96 7.61
C4 PPZ D . -0.80 -6.27 -6.46
C5 PPZ D . 0.05 -7.25 -6.97
N7 PPZ D . 0.85 -7.73 -5.93
C8 PPZ D . 0.38 -7.18 -4.76
C13 PPZ D . 0.69 -7.41 -3.41
C12 PPZ D . -0.14 -6.88 -2.42
C11 PPZ D . -1.25 -6.12 -2.79
C10 PPZ D . -1.49 -5.80 -4.13
N9 PPZ D . -0.67 -6.37 -5.10
C6 PPZ D . -0.11 -7.55 -8.33
N6 PPZ D . 0.41 -8.73 -8.84
N1 PPZ D . -0.94 -6.81 -9.07
C2 PPZ D . -1.65 -5.85 -8.47
N3 PPZ D . -1.68 -5.52 -7.17
C61 PPZ D . 1.03 -9.78 -8.06
C7 PPZ D . 0.14 -10.16 -6.86
O8 PPZ D . -0.85 -11.10 -7.21
H13 PPZ D . 1.51 -8.08 -3.15
H12 PPZ D . 0.06 -7.09 -1.38
H11 PPZ D . -1.94 -5.77 -2.04
H10 PPZ D . -2.33 -5.19 -4.43
H6 PPZ D . 0.29 -8.88 -9.83
H2 PPZ D . -2.31 -5.29 -9.10
H61 PPZ D . 1.80 -9.33 -7.44
H62 PPZ D . 1.36 -10.63 -8.67
H71 PPZ D . 0.74 -10.55 -6.05
H72 PPZ D . -0.34 -9.26 -6.46
H8 PPZ D . -1.34 -10.77 -7.97
C4 PPZ C . -0.85 7.49 5.98
C5 PPZ C . -0.07 8.14 6.96
N7 PPZ C . 1.26 7.80 6.79
C8 PPZ C . 1.36 7.12 5.60
C13 PPZ C . 2.46 6.71 4.83
C12 PPZ C . 2.24 6.27 3.52
C11 PPZ C . 0.94 6.15 3.03
C10 PPZ C . -0.16 6.49 3.84
N9 PPZ C . 0.08 6.99 5.10
C6 PPZ C . -0.78 8.99 7.83
N6 PPZ C . -0.11 9.94 8.57
N1 PPZ C . -2.12 9.00 7.78
C2 PPZ C . -2.74 8.27 6.85
N3 PPZ C . -2.19 7.51 5.89
C61 PPZ C . 1.33 10.23 8.49
C7 PPZ C . 1.78 10.40 7.04
O8 PPZ C . 1.57 11.72 6.57
H13 PPZ C . 3.46 6.84 5.20
H12 PPZ C . 3.08 6.00 2.88
H11 PPZ C . 0.78 5.80 2.02
H10 PPZ C . -1.18 6.42 3.47
H6 PPZ C . -0.67 10.51 9.18
H2 PPZ C . -3.81 8.32 6.85
H61 PPZ C . 1.85 9.28 8.62
H62 PPZ C . 1.63 11.02 9.17
H71 PPZ C . 1.25 9.69 6.39
H72 PPZ C . 2.83 10.15 6.93
H8 PPZ C . 0.63 11.91 6.63
C4 PPZ D . -1.72 -7.02 -6.39
C5 PPZ D . -0.91 -7.94 -7.08
N7 PPZ D . 0.24 -8.19 -6.32
C8 PPZ D . 0.04 -7.63 -5.08
C13 PPZ D . 0.73 -7.75 -3.87
C12 PPZ D . 0.14 -7.24 -2.69
C11 PPZ D . -1.08 -6.58 -2.77
C10 PPZ D . -1.73 -6.39 -4.00
N9 PPZ D . -1.17 -6.96 -5.13
C6 PPZ D . -1.42 -8.40 -8.30
N6 PPZ D . -0.86 -9.53 -8.89
N1 PPZ D . -2.54 -7.86 -8.79
C2 PPZ D . -3.18 -6.95 -8.05
N3 PPZ D . -2.88 -6.48 -6.84
C61 PPZ D . 0.19 -10.36 -8.34
C7 PPZ D . -0.14 -10.76 -6.88
O8 PPZ D . -1.00 -11.88 -6.85
H13 PPZ D . 1.64 -8.32 -3.82
H12 PPZ D . 0.64 -7.39 -1.75
H11 PPZ D . -1.55 -6.22 -1.86
H10 PPZ D . -2.69 -5.90 -4.07
H6 PPZ D . -1.28 -9.81 -9.77
H2 PPZ D . -4.09 -6.56 -8.49
H61 PPZ D . 1.01 -9.70 -8.05
H62 PPZ D . 0.46 -11.18 -8.98
H71 PPZ D . -0.60 -9.91 -6.36
H72 PPZ D . 0.78 -10.97 -6.32
H8 PPZ D . -1.78 -11.68 -7.38
C4 PPZ C . -1.05 6.47 6.21
C5 PPZ C . -0.21 7.04 7.19
N7 PPZ C . 1.10 7.05 6.72
C8 PPZ C . 1.05 6.67 5.40
C13 PPZ C . 2.03 6.65 4.37
C12 PPZ C . 1.62 6.45 3.05
C11 PPZ C . 0.27 6.24 2.76
C10 PPZ C . -0.68 6.15 3.80
N9 PPZ C . -0.26 6.39 5.09
C6 PPZ C . -0.86 7.49 8.35
N6 PPZ C . -0.23 8.36 9.22
N1 PPZ C . -2.17 7.22 8.52
C2 PPZ C . -2.82 6.60 7.54
N3 PPZ C . -2.37 6.21 6.35
C61 PPZ C . 1.08 8.97 9.00
C7 PPZ C . 1.18 9.58 7.60
O8 PPZ C . 0.68 10.90 7.56
H13 PPZ C . 3.05 6.90 4.61
H12 PPZ C . 2.35 6.49 2.26
H11 PPZ C . -0.06 6.16 1.74
H10 PPZ C . -1.73 5.97 3.60
H6 PPZ C . -0.74 8.63 10.04
H2 PPZ C . -3.87 6.42 7.72
H61 PPZ C . 1.38 9.63 9.82
H62 PPZ C . 1.79 8.16 8.78
H71 PPZ C . 0.63 8.95 6.88
H72 PPZ C . 2.21 9.57 7.25
H8 PPZ C . -0.23 10.89 7.86
C4 PPZ D . -1.60 -6.42 -6.14
C5 PPZ D . -0.82 -7.28 -6.92
N7 PPZ D . 0.23 -7.78 -6.15
C8 PPZ D . 0.01 -7.36 -4.85
C13 PPZ D . 0.64 -7.67 -3.63
C12 PPZ D . 0.07 -7.22 -2.43
C11 PPZ D . -1.10 -6.46 -2.46
C10 PPZ D . -1.69 -6.10 -3.69
N9 PPZ D . -1.13 -6.58 -4.85
C6 PPZ D . -1.26 -7.47 -8.24
N6 PPZ D . -0.76 -8.51 -9.00
N1 PPZ D . -2.30 -6.75 -8.69
C2 PPZ D . -2.92 -5.92 -7.85
N3 PPZ D . -2.66 -5.70 -6.57
C61 PPZ D . 0.15 -9.55 -8.52
C7 PPZ D . -0.38 -10.15 -7.22
O8 PPZ D . -1.37 -11.14 -7.46
H13 PPZ D . 1.50 -8.31 -3.62
H12 PPZ D . 0.53 -7.48 -1.49
H11 PPZ D . -1.57 -6.16 -1.53
H10 PPZ D . -2.59 -5.51 -3.73
H6 PPZ D . -1.09 -8.57 -9.95
H2 PPZ D . -3.75 -5.37 -8.27
H61 PPZ D . 0.99 -9.06 -8.05
H62 PPZ D . 0.41 -10.27 -9.30
H71 PPZ D . 0.44 -10.59 -6.64
H72 PPZ D . -0.79 -9.36 -6.58
H8 PPZ D . -2.03 -10.76 -8.04
C4 PPZ C . -0.70 6.66 5.88
C5 PPZ C . 0.04 7.21 6.94
N7 PPZ C . 1.40 7.23 6.61
C8 PPZ C . 1.48 6.83 5.28
C13 PPZ C . 2.55 6.79 4.38
C12 PPZ C . 2.31 6.54 3.02
C11 PPZ C . 0.99 6.28 2.61
C10 PPZ C . -0.07 6.24 3.54
N9 PPZ C . 0.22 6.54 4.85
C6 PPZ C . -0.72 7.66 8.03
N6 PPZ C . -0.16 8.49 8.98
N1 PPZ C . -2.05 7.41 8.06
C2 PPZ C . -2.60 6.82 7.00
N3 PPZ C . -2.03 6.42 5.87
C61 PPZ C . 1.17 9.08 8.92
C7 PPZ C . 1.41 9.73 7.56
O8 PPZ C . 0.82 11.01 7.48
H13 PPZ C . 3.55 7.06 4.71
H12 PPZ C . 3.12 6.54 2.31
H11 PPZ C . 0.80 6.12 1.56
H10 PPZ C . -1.07 6.04 3.22
H6 PPZ C . -0.76 8.75 9.75
H2 PPZ C . -3.67 6.65 7.08
H61 PPZ C . 1.89 8.27 8.75
H62 PPZ C . 1.40 9.71 9.78
H71 PPZ C . 1.01 9.09 6.77
H72 PPZ C . 2.48 9.82 7.36
H8 PPZ C . -0.13 10.92 7.66
C4 PPZ D . -1.07 -6.58 -5.88
C5 PPZ D . -0.03 -7.31 -6.47
N7 PPZ D . 0.88 -7.71 -5.49
C8 PPZ D . 0.31 -7.39 -4.27
C13 PPZ D . 0.68 -7.67 -2.95
C12 PPZ D . -0.19 -7.33 -1.91
C11 PPZ D . -1.43 -6.74 -2.19
C10 PPZ D . -1.75 -6.39 -3.52
N9 PPZ D . -0.88 -6.74 -4.53
C6 PPZ D . -0.14 -7.51 -7.85
N6 PPZ D . 0.59 -8.52 -8.46
N1 PPZ D . -1.13 -6.89 -8.52
C2 PPZ D . -2.01 -6.16 -7.84
N3 PPZ D . -2.09 -5.96 -6.52
C61 PPZ D . 1.39 -9.52 -7.77
C7 PPZ D . 0.61 -10.12 -6.59
O8 PPZ D . -0.20 -11.21 -6.98
H13 PPZ D . 1.60 -8.20 -2.75
H12 PPZ D . 0.09 -7.55 -0.89
H11 PPZ D . -2.12 -6.55 -1.40
H10 PPZ D . -2.69 -5.92 -3.75
H6 PPZ D . 0.49 -8.60 -9.46
H2 PPZ D . -2.78 -5.69 -8.43
H61 PPZ D . 1.85 -10.23 -8.44
H62 PPZ D . 2.08 -8.98 -7.13
H71 PPZ D . 1.30 -10.45 -5.81
H72 PPZ D . -0.01 -9.35 -6.11
H8 PPZ D . -0.83 -10.90 -7.63
C4 PPZ C . -0.97 7.44 6.15
C5 PPZ C . -0.25 8.16 7.12
N7 PPZ C . 1.10 7.83 7.00
C8 PPZ C . 1.25 7.12 5.84
C13 PPZ C . 2.39 6.72 5.10
C12 PPZ C . 2.22 6.27 3.79
C11 PPZ C . 0.92 6.13 3.27
C10 PPZ C . -0.21 6.45 4.03
N9 PPZ C . -0.01 6.95 5.30
C6 PPZ C . -1.00 9.05 7.91
N6 PPZ C . -0.35 10.09 8.54
N1 PPZ C . -2.33 9.03 7.81
C2 PPZ C . -2.90 8.22 6.93
N3 PPZ C . -2.32 7.42 6.03
C61 PPZ C . 1.06 10.42 8.39
C7 PPZ C . 1.45 10.48 6.90
O8 PPZ C . 1.15 11.75 6.34
H13 PPZ C . 3.36 6.89 5.51
H12 PPZ C . 3.07 6.05 3.18
H11 PPZ C . 0.80 5.78 2.25
H10 PPZ C . -1.21 6.38 3.62
H6 PPZ C . -0.92 10.71 9.08
H2 PPZ C . -3.98 8.26 6.88
H61 PPZ C . 1.64 9.52 8.58
H62 PPZ C . 1.35 11.29 8.97
H71 PPZ C . 0.92 9.70 6.33
H72 PPZ C . 2.51 10.28 6.76
H8 PPZ C . 0.20 11.91 6.44
C4 PPZ D . -1.31 -6.28 -6.24
C5 PPZ D . -0.47 -7.13 -6.99
N7 PPZ D . 0.49 -7.67 -6.16
C8 PPZ D . 0.18 -7.30 -4.87
C13 PPZ D . 0.72 -7.64 -3.62
C12 PPZ D . 0.09 -7.21 -2.46
C11 PPZ D . -1.09 -6.45 -2.54
C10 PPZ D . -1.58 -6.05 -3.81
N9 PPZ D . -0.94 -6.49 -4.94
C6 PPZ D . -0.80 -7.26 -8.35
N6 PPZ D . -0.22 -8.25 -9.12
N1 PPZ D . -1.79 -6.50 -8.86
C2 PPZ D . -2.47 -5.70 -8.05
N3 PPZ D . -2.33 -5.54 -6.73
C61 PPZ D . 0.66 -9.29 -8.64
C7 PPZ D . 0.03 -10.00 -7.43
O8 PPZ D . -0.97 -10.91 -7.80
H13 PPZ D . 1.58 -8.29 -3.57
H12 PPZ D . 0.49 -7.48 -1.48
H11 PPZ D . -1.63 -6.18 -1.65
H10 PPZ D . -2.48 -5.45 -3.88
H6 PPZ D . -0.49 -8.27 -10.09
H2 PPZ D . -3.25 -5.12 -8.50
H61 PPZ D . 0.99 -9.97 -9.43
H62 PPZ D . 1.45 -8.82 -8.07
H71 PPZ D . 0.80 -10.51 -6.84
H72 PPZ D . -0.39 -9.23 -6.75
H8 PPZ D . -1.62 -10.45 -8.34
C4 PPZ C . -0.45 6.25 5.98
C5 PPZ C . 0.54 6.61 6.89
N7 PPZ C . 1.78 6.60 6.25
C8 PPZ C . 1.52 6.42 4.90
C13 PPZ C . 2.35 6.47 3.76
C12 PPZ C . 1.76 6.43 2.49
C11 PPZ C . 0.37 6.31 2.37
C10 PPZ C . -0.43 6.16 3.52
N9 PPZ C . 0.17 6.25 4.76
C6 PPZ C . 0.10 6.95 8.17
N6 PPZ C . 0.93 7.69 9.01
N1 PPZ C . -1.20 6.80 8.48
C2 PPZ C . -2.03 6.37 7.54
N3 PPZ C . -1.77 6.09 6.27
C61 PPZ C . 2.21 8.27 8.62
C7 PPZ C . 2.05 9.05 7.31
O8 PPZ C . 1.48 10.33 7.52
H13 PPZ C . 3.41 6.63 3.87
H12 PPZ C . 2.39 6.51 1.61
H11 PPZ C . -0.08 6.34 1.40
H10 PPZ C . -1.50 6.06 3.44
H6 PPZ C . 0.57 7.89 9.93
H2 PPZ C . -3.06 6.27 7.83
H61 PPZ C . 2.69 8.82 9.42
H62 PPZ C . 2.81 7.48 8.16
H71 PPZ C . 1.41 8.49 6.62
H72 PPZ C . 3.01 9.16 6.79
H8 PPZ C . 0.62 10.21 7.95
C4 PPZ D . -1.03 -6.12 -6.35
C5 PPZ D . -0.13 -6.98 -6.99
N7 PPZ D . 0.81 -7.44 -6.06
C8 PPZ D . 0.36 -7.03 -4.81
C13 PPZ D . 0.78 -7.34 -3.51
C12 PPZ D . -0.03 -6.96 -2.42
C11 PPZ D . -1.21 -6.26 -2.65
C10 PPZ D . -1.57 -5.87 -3.95
N9 PPZ D . -0.78 -6.29 -5.01
C6 PPZ D . -0.38 -7.23 -8.35
N6 PPZ D . 0.18 -8.34 -8.94
N1 PPZ D . -1.33 -6.53 -8.97
C2 PPZ D . -2.06 -5.67 -8.25
N3 PPZ D . -2.02 -5.42 -6.95
C61 PPZ D . 0.94 -9.38 -8.27
C7 PPZ D . 0.22 -9.86 -7.01
O8 PPZ D . -0.74 -10.86 -7.29
H13 PPZ D . 1.66 -7.95 -3.35
H12 PPZ D . 0.26 -7.25 -1.42
H11 PPZ D . -1.86 -6.03 -1.83
H10 PPZ D . -2.48 -5.32 -4.15
H6 PPZ D . -0.03 -8.47 -9.92
H2 PPZ D . -2.82 -5.14 -8.81
H61 PPZ D . 1.28 -10.17 -8.94
H62 PPZ D . 1.74 -8.89 -7.71
H71 PPZ D . 0.94 -10.24 -6.27
H72 PPZ D . -0.28 -9.01 -6.52
H8 PPZ D . -1.36 -10.51 -7.93
C4 PPZ C . -0.93 6.33 5.66
C5 PPZ C . -0.09 6.62 6.75
N7 PPZ C . 1.23 6.67 6.31
C8 PPZ C . 1.20 6.59 4.93
C13 PPZ C . 2.19 6.73 3.95
C12 PPZ C . 1.83 6.74 2.60
C11 PPZ C . 0.47 6.60 2.25
C10 PPZ C . -0.51 6.38 3.24
N9 PPZ C . -0.12 6.42 4.56
C6 PPZ C . -0.74 6.84 7.98
N6 PPZ C . -0.06 7.47 9.00
N1 PPZ C . -2.07 6.63 8.06
C2 PPZ C . -2.73 6.28 6.96
N3 PPZ C . -2.27 6.13 5.73
C61 PPZ C . 1.26 8.06 8.91
C7 PPZ C . 1.36 8.96 7.67
O8 PPZ C . 0.85 10.25 7.92
H13 PPZ C . 3.22 6.90 4.25
H12 PPZ C . 2.58 6.87 1.84
H11 PPZ C . 0.18 6.69 1.21
H10 PPZ C . -1.55 6.27 2.97
H6 PPZ C . -0.56 7.57 9.87
H2 PPZ C . -3.79 6.14 7.10
H61 PPZ C . 1.93 7.30 8.51
H62 PPZ C . 1.59 8.52 9.85
H71 PPZ C . 2.39 9.03 7.31
H72 PPZ C . 0.80 8.50 6.83
H8 PPZ C . -0.03 10.17 8.30
C4 PPZ D . -1.28 -6.84 -6.36
C5 PPZ D . -0.51 -7.85 -6.94
N7 PPZ D . 0.60 -8.08 -6.14
C8 PPZ D . 0.41 -7.39 -4.96
C13 PPZ D . 1.06 -7.44 -3.72
C12 PPZ D . 0.48 -6.80 -2.62
C11 PPZ D . -0.70 -6.05 -2.80
C10 PPZ D . -1.31 -5.96 -4.06
N9 PPZ D . -0.76 -6.67 -5.11
C6 PPZ D . -1.03 -8.41 -8.10
N6 PPZ D . -0.55 -9.65 -8.52
N1 PPZ D . -2.13 -7.90 -8.66
C2 PPZ D . -2.74 -6.88 -8.04
N3 PPZ D . -2.42 -6.30 -6.88
C61 PPZ D . 0.38 -10.48 -7.78
C7 PPZ D . -0.08 -10.65 -6.33
O8 PPZ D . -1.02 -11.69 -6.20
H13 PPZ D . 1.95 -8.04 -3.60
H12 PPZ D . 0.92 -6.88 -1.64
H11 PPZ D . -1.13 -5.55 -1.94
H10 PPZ D . -2.24 -5.41 -4.19
H6 PPZ D . -0.96 -10.02 -9.36
H2 PPZ D . -3.63 -6.50 -8.53
H61 PPZ D . 1.24 -9.86 -7.52
H62 PPZ D . 0.62 -11.41 -8.30
H71 PPZ D . 0.77 -10.84 -5.68
H72 PPZ D . -0.51 -9.70 -5.97
H8 PPZ D . -1.75 -11.51 -6.80
C4 PPZ C . -0.82 6.76 5.76
C5 PPZ C . -0.03 7.24 6.82
N7 PPZ C . 1.31 7.12 6.47
C8 PPZ C . 1.36 6.74 5.15
C13 PPZ C . 2.42 6.63 4.24
C12 PPZ C . 2.14 6.43 2.89
C11 PPZ C . 0.80 6.29 2.47
C10 PPZ C . -0.25 6.33 3.40
N9 PPZ C . 0.07 6.57 4.72
C6 PPZ C . -0.73 7.76 7.92
N6 PPZ C . -0.08 8.56 8.83
N1 PPZ C . -2.07 7.62 7.96
C2 PPZ C . -2.68 7.07 6.91
N3 PPZ C . -2.17 6.65 5.77
C61 PPZ C . 1.29 9.04 8.73
C7 PPZ C . 1.56 9.64 7.34
O8 PPZ C . 1.19 11.01 7.29
H13 PPZ C . 3.44 6.80 4.56
H12 PPZ C . 2.94 6.39 2.15
H11 PPZ C . 0.58 6.16 1.42
H10 PPZ C . -1.27 6.22 3.10
H6 PPZ C . -0.64 8.90 9.60
H2 PPZ C . -3.76 7.00 6.99
H61 PPZ C . 1.92 8.16 8.54
H62 PPZ C . 1.59 9.66 9.57
H71 PPZ C . 2.60 9.53 7.07
H72 PPZ C . 0.99 9.08 6.58
H8 PPZ C . 0.28 11.10 7.57
C4 PPZ D . -1.16 -6.30 -6.26
C5 PPZ D . -0.37 -7.20 -6.99
N7 PPZ D . 0.67 -7.64 -6.18
C8 PPZ D . 0.41 -7.20 -4.90
C13 PPZ D . 0.98 -7.51 -3.66
C12 PPZ D . 0.32 -7.11 -2.49
C11 PPZ D . -0.85 -6.35 -2.58
C10 PPZ D . -1.37 -5.97 -3.83
N9 PPZ D . -0.74 -6.44 -4.96
C6 PPZ D . -0.81 -7.49 -8.29
N6 PPZ D . -0.36 -8.64 -8.92
N1 PPZ D . -1.83 -6.78 -8.80
C2 PPZ D . -2.44 -5.89 -8.03
N3 PPZ D . -2.22 -5.60 -6.75
C61 PPZ D . 0.49 -9.65 -8.33
C7 PPZ D . -0.06 -10.10 -6.96
O8 PPZ D . -1.09 -11.04 -7.09
H13 PPZ D . 1.85 -8.13 -3.61
H12 PPZ D . 0.72 -7.38 -1.52
H11 PPZ D . -1.36 -6.06 -1.67
H10 PPZ D . -2.28 -5.40 -3.92
H6 PPZ D . -0.72 -8.80 -9.85
H2 PPZ D . -3.26 -5.36 -8.50
H61 PPZ D . 0.71 -10.47 -9.02
H62 PPZ D . 1.36 -9.15 -7.90
H71 PPZ D . -0.43 -9.22 -6.41
H72 PPZ D . 0.74 -10.52 -6.35
H8 PPZ D . -1.81 -10.63 -7.61
#